data_5PH9
#
_entry.id   5PH9
#
_cell.length_a   71.347
_cell.length_b   71.347
_cell.length_c   150.116
_cell.angle_alpha   90.000
_cell.angle_beta   90.000
_cell.angle_gamma   90.000
#
_symmetry.space_group_name_H-M   'P 43 21 2'
#
loop_
_entity.id
_entity.type
_entity.pdbx_description
1 polymer 'Lysine-specific demethylase 4D'
2 non-polymer 'ZINC ION'
3 non-polymer 'NICKEL (II) ION'
4 non-polymer N-OXALYLGLYCINE
5 non-polymer 1,2-ETHANEDIOL
6 non-polymer 'SULFATE ION'
7 non-polymer pteridine-2,4(1H,3H)-dione
8 water water
#
_entity_poly.entity_id   1
_entity_poly.type   'polypeptide(L)'
_entity_poly.pdbx_seq_one_letter_code
;MHHHHHHSSGVDLGTENLYFQSMETMKSKANCAQNPNCNIMIFHPTKEEFNDFDKYIAYMESQGAHRAGLAKIIPPKEWK
ARETYDNISEILIATPLQQVASGRAGVFTQYHKKKKAMTVGEYRHLANSKKYQTPPHQNFEDLERKYWKNRIYNSPIYGA
DISGSLFDENTKQWNLGHLGTIQDLLEKECGVVIEGVNTPYLYFGMWKTTFAWHTEDMDLYSINYLHLGEPKTWYVVPPE
HGQRLERLARELFPGSSRGCGAFLRHKVALISPTVLKENGIPFNRITQEAGEFMVTFPYGYHAGFNHGFNCAEAINFATP
RWIDYGKMASQCSCGEARVTFSMDAFVRILQPERYDLWKRGQDR
;
_entity_poly.pdbx_strand_id   A
#
# COMPACT_ATOMS: atom_id res chain seq x y z
N ALA A 33 -10.93 -18.62 -18.35
CA ALA A 33 -10.24 -17.57 -17.59
C ALA A 33 -9.76 -18.07 -16.23
N GLN A 34 -8.51 -17.78 -15.90
CA GLN A 34 -7.91 -18.22 -14.64
C GLN A 34 -8.41 -17.40 -13.45
N ASN A 35 -8.60 -18.08 -12.32
CA ASN A 35 -9.05 -17.44 -11.08
C ASN A 35 -10.31 -16.56 -11.25
N PRO A 36 -11.40 -17.12 -11.80
CA PRO A 36 -12.57 -16.28 -12.07
C PRO A 36 -13.26 -15.71 -10.83
N ASN A 37 -13.11 -16.37 -9.68
CA ASN A 37 -13.69 -15.87 -8.44
C ASN A 37 -12.82 -14.79 -7.79
N CYS A 38 -11.66 -14.51 -8.37
CA CYS A 38 -10.78 -13.43 -7.90
C CYS A 38 -10.27 -13.66 -6.49
N ASN A 39 -9.94 -14.90 -6.18
CA ASN A 39 -9.35 -15.25 -4.90
C ASN A 39 -7.92 -14.77 -4.79
N ILE A 40 -7.50 -14.42 -3.58
CA ILE A 40 -6.10 -14.12 -3.33
C ILE A 40 -5.29 -15.40 -3.43
N MET A 41 -4.29 -15.41 -4.32
CA MET A 41 -3.46 -16.58 -4.50
C MET A 41 -2.15 -16.44 -3.73
N ILE A 42 -1.62 -17.58 -3.29
CA ILE A 42 -0.38 -17.66 -2.54
C ILE A 42 0.61 -18.48 -3.34
N PHE A 43 1.81 -17.93 -3.51
CA PHE A 43 2.84 -18.56 -4.34
C PHE A 43 4.06 -18.95 -3.52
N HIS A 44 4.65 -20.09 -3.88
CA HIS A 44 5.85 -20.62 -3.24
C HIS A 44 6.94 -20.86 -4.27
N PRO A 45 7.55 -19.79 -4.81
CA PRO A 45 8.62 -19.96 -5.80
C PRO A 45 9.83 -20.72 -5.27
N THR A 46 10.43 -21.53 -6.12
CA THR A 46 11.72 -22.14 -5.80
C THR A 46 12.80 -21.08 -5.90
N LYS A 47 14.01 -21.40 -5.42
CA LYS A 47 15.08 -20.43 -5.53
C LYS A 47 15.42 -20.14 -6.99
N GLU A 48 15.26 -21.14 -7.87
CA GLU A 48 15.48 -20.94 -9.29
C GLU A 48 14.43 -19.98 -9.88
N GLU A 49 13.18 -20.15 -9.47
CA GLU A 49 12.10 -19.29 -9.93
C GLU A 49 12.19 -17.87 -9.37
N PHE A 50 12.99 -17.70 -8.32
CA PHE A 50 13.10 -16.43 -7.60
C PHE A 50 14.17 -15.52 -8.20
N ASN A 51 14.82 -15.98 -9.26
CA ASN A 51 15.87 -15.19 -9.89
C ASN A 51 15.35 -14.02 -10.72
N ASP A 52 14.36 -14.31 -11.56
CA ASP A 52 13.85 -13.35 -12.53
C ASP A 52 12.52 -12.77 -12.07
N PHE A 53 12.58 -11.57 -11.52
CA PHE A 53 11.42 -10.94 -10.91
C PHE A 53 10.29 -10.73 -11.93
N ASP A 54 10.60 -10.09 -13.04
N ASP A 54 10.60 -10.11 -13.06
CA ASP A 54 9.59 -9.80 -14.07
CA ASP A 54 9.56 -9.79 -14.03
C ASP A 54 8.91 -11.08 -14.53
C ASP A 54 8.93 -11.05 -14.62
N LYS A 55 9.71 -12.11 -14.76
CA LYS A 55 9.20 -13.39 -15.26
C LYS A 55 8.23 -14.01 -14.26
N TYR A 56 8.52 -13.89 -12.97
CA TYR A 56 7.62 -14.49 -11.99
C TYR A 56 6.32 -13.69 -11.84
N ILE A 57 6.40 -12.36 -11.92
CA ILE A 57 5.16 -11.57 -11.92
C ILE A 57 4.28 -12.02 -13.09
N ALA A 58 4.90 -12.15 -14.27
CA ALA A 58 4.15 -12.57 -15.45
C ALA A 58 3.54 -13.97 -15.25
N TYR A 59 4.29 -14.86 -14.60
CA TYR A 59 3.78 -16.18 -14.30
C TYR A 59 2.56 -16.13 -13.37
N MET A 60 2.64 -15.34 -12.31
N MET A 60 2.65 -15.34 -12.30
CA MET A 60 1.53 -15.20 -11.39
CA MET A 60 1.53 -15.20 -11.39
C MET A 60 0.27 -14.73 -12.13
C MET A 60 0.27 -14.73 -12.13
N GLU A 61 0.44 -13.76 -13.03
CA GLU A 61 -0.68 -13.27 -13.80
C GLU A 61 -1.23 -14.32 -14.78
N SER A 62 -0.36 -15.18 -15.30
CA SER A 62 -0.81 -16.26 -16.19
C SER A 62 -1.72 -17.22 -15.43
N GLN A 63 -1.61 -17.23 -14.11
CA GLN A 63 -2.44 -18.08 -13.26
C GLN A 63 -3.65 -17.32 -12.70
N GLY A 64 -3.80 -16.07 -13.12
CA GLY A 64 -4.93 -15.26 -12.72
C GLY A 64 -4.79 -14.50 -11.41
N ALA A 65 -3.57 -14.43 -10.88
CA ALA A 65 -3.37 -13.80 -9.56
C ALA A 65 -3.87 -12.36 -9.50
N HIS A 66 -3.66 -11.61 -10.57
CA HIS A 66 -4.03 -10.20 -10.60
C HIS A 66 -5.53 -9.96 -10.44
N ARG A 67 -6.35 -10.97 -10.74
CA ARG A 67 -7.79 -10.75 -10.66
C ARG A 67 -8.23 -10.44 -9.23
N ALA A 68 -7.47 -10.92 -8.24
CA ALA A 68 -7.77 -10.64 -6.83
C ALA A 68 -7.42 -9.21 -6.43
N GLY A 69 -6.42 -8.62 -7.10
CA GLY A 69 -5.88 -7.33 -6.70
C GLY A 69 -4.68 -7.44 -5.79
N LEU A 70 -4.46 -8.63 -5.24
CA LEU A 70 -3.43 -8.86 -4.22
C LEU A 70 -2.98 -10.30 -4.28
N ALA A 71 -1.67 -10.55 -4.16
CA ALA A 71 -1.12 -11.90 -4.06
C ALA A 71 -0.09 -11.97 -2.95
N LYS A 72 0.05 -13.15 -2.35
CA LYS A 72 1.11 -13.40 -1.39
C LYS A 72 2.21 -14.24 -2.03
N ILE A 73 3.46 -13.88 -1.79
CA ILE A 73 4.59 -14.68 -2.25
C ILE A 73 5.48 -15.04 -1.08
N ILE A 74 5.61 -16.34 -0.84
CA ILE A 74 6.45 -16.82 0.23
C ILE A 74 7.82 -17.14 -0.38
N PRO A 75 8.90 -16.46 0.08
CA PRO A 75 10.21 -16.69 -0.52
C PRO A 75 10.71 -18.11 -0.29
N PRO A 76 11.60 -18.59 -1.18
CA PRO A 76 12.18 -19.92 -0.90
C PRO A 76 12.94 -19.94 0.43
N LYS A 77 13.00 -21.12 1.03
CA LYS A 77 13.57 -21.26 2.37
C LYS A 77 15.05 -20.85 2.42
N GLU A 78 15.72 -20.87 1.28
CA GLU A 78 17.13 -20.53 1.21
C GLU A 78 17.39 -19.02 1.18
N TRP A 79 16.32 -18.25 0.99
CA TRP A 79 16.44 -16.80 0.79
C TRP A 79 16.38 -16.02 2.10
N LYS A 80 17.10 -14.90 2.15
CA LYS A 80 17.02 -13.98 3.28
C LYS A 80 17.13 -12.54 2.78
N ALA A 81 16.41 -11.62 3.41
CA ALA A 81 16.50 -10.21 3.03
C ALA A 81 17.80 -9.60 3.50
N ARG A 82 18.23 -9.99 4.69
CA ARG A 82 19.48 -9.54 5.29
C ARG A 82 19.83 -10.51 6.41
N GLU A 83 21.01 -10.36 7.00
CA GLU A 83 21.49 -11.30 8.00
C GLU A 83 20.68 -11.22 9.31
N THR A 84 20.59 -10.02 9.88
CA THR A 84 19.82 -9.83 11.12
C THR A 84 19.19 -8.45 11.14
N TYR A 85 18.25 -8.26 12.06
CA TYR A 85 17.66 -6.95 12.28
C TYR A 85 18.13 -6.35 13.60
N ASP A 86 19.29 -6.78 14.06
CA ASP A 86 19.80 -6.38 15.37
C ASP A 86 20.28 -4.94 15.46
N ASN A 87 20.52 -4.29 14.33
CA ASN A 87 21.13 -2.96 14.36
C ASN A 87 20.31 -1.89 13.66
N ILE A 88 18.98 -1.97 13.78
CA ILE A 88 18.13 -1.01 13.11
C ILE A 88 17.58 0.09 14.02
N SER A 89 17.96 0.07 15.30
CA SER A 89 17.29 0.94 16.28
C SER A 89 17.62 2.41 16.12
N GLU A 90 18.67 2.74 15.36
CA GLU A 90 19.10 4.13 15.23
C GLU A 90 18.52 4.81 14.00
N ILE A 91 17.77 4.07 13.19
CA ILE A 91 17.01 4.67 12.11
C ILE A 91 16.08 5.75 12.69
N LEU A 92 15.99 6.90 12.03
CA LEU A 92 15.14 7.98 12.51
C LEU A 92 13.80 8.00 11.81
N ILE A 93 12.73 8.10 12.60
CA ILE A 93 11.41 8.41 12.11
C ILE A 93 11.22 9.91 12.32
N ALA A 94 11.54 10.69 11.30
CA ALA A 94 11.55 12.14 11.41
C ALA A 94 10.19 12.74 11.75
N THR A 95 9.13 12.14 11.22
CA THR A 95 7.79 12.66 11.42
C THR A 95 6.82 11.51 11.67
N PRO A 96 6.82 10.98 12.90
CA PRO A 96 5.79 9.99 13.24
C PRO A 96 4.41 10.59 13.09
N LEU A 97 3.44 9.78 12.68
CA LEU A 97 2.09 10.29 12.43
C LEU A 97 1.08 9.64 13.36
N GLN A 98 0.38 10.46 14.13
CA GLN A 98 -0.68 9.98 15.00
C GLN A 98 -1.97 9.92 14.20
N GLN A 99 -2.57 8.73 14.12
CA GLN A 99 -3.72 8.52 13.24
C GLN A 99 -5.03 8.67 14.00
N VAL A 100 -5.61 9.86 13.91
CA VAL A 100 -6.79 10.20 14.69
C VAL A 100 -8.06 9.96 13.87
N ALA A 101 -8.98 9.15 14.41
CA ALA A 101 -10.18 8.75 13.68
C ALA A 101 -11.39 9.60 13.97
N SER A 102 -12.27 9.68 12.97
CA SER A 102 -13.56 10.37 13.10
CA SER A 102 -13.54 10.37 13.10
C SER A 102 -14.63 9.57 12.38
N GLY A 103 -15.78 9.40 13.02
CA GLY A 103 -16.88 8.69 12.39
C GLY A 103 -17.43 7.59 13.27
N ARG A 104 -17.74 6.46 12.65
N ARG A 104 -17.81 6.47 12.65
CA ARG A 104 -18.26 5.32 13.36
CA ARG A 104 -18.30 5.32 13.40
C ARG A 104 -17.26 4.18 13.27
C ARG A 104 -17.38 4.13 13.16
N ALA A 105 -17.50 3.12 14.03
CA ALA A 105 -16.55 2.01 14.08
C ALA A 105 -16.25 1.39 12.73
N GLY A 106 -17.28 1.26 11.89
CA GLY A 106 -17.10 0.62 10.59
C GLY A 106 -16.99 1.55 9.39
N VAL A 107 -17.16 2.85 9.62
CA VAL A 107 -17.09 3.86 8.56
C VAL A 107 -16.47 5.11 9.14
N PHE A 108 -15.17 5.32 8.90
CA PHE A 108 -14.49 6.44 9.52
C PHE A 108 -13.40 6.98 8.63
N THR A 109 -12.99 8.20 8.93
CA THR A 109 -11.81 8.75 8.30
C THR A 109 -10.71 8.91 9.35
N GLN A 110 -9.48 9.03 8.90
CA GLN A 110 -8.40 9.34 9.84
C GLN A 110 -7.57 10.48 9.29
N TYR A 111 -7.10 11.34 10.20
CA TYR A 111 -6.15 12.35 9.78
C TYR A 111 -4.85 12.11 10.53
N HIS A 112 -3.77 12.61 9.96
CA HIS A 112 -2.44 12.37 10.49
CA HIS A 112 -2.44 12.37 10.50
C HIS A 112 -1.90 13.60 11.19
N LYS A 113 -1.74 13.49 12.49
CA LYS A 113 -1.18 14.56 13.31
C LYS A 113 0.32 14.31 13.45
N LYS A 114 1.13 15.27 13.03
CA LYS A 114 2.58 15.11 13.11
C LYS A 114 3.06 15.16 14.55
N LYS A 115 3.97 14.26 14.88
CA LYS A 115 4.57 14.21 16.21
C LYS A 115 6.06 14.45 16.11
N LYS A 116 6.71 14.65 17.25
CA LYS A 116 8.15 14.86 17.29
C LYS A 116 8.93 13.62 16.86
N ALA A 117 10.10 13.85 16.28
CA ALA A 117 10.93 12.78 15.77
C ALA A 117 11.32 11.77 16.84
N MET A 118 11.45 10.51 16.45
N MET A 118 11.38 10.50 16.44
CA MET A 118 11.95 9.50 17.37
CA MET A 118 11.83 9.41 17.31
C MET A 118 12.67 8.41 16.60
C MET A 118 12.77 8.49 16.54
N THR A 119 13.61 7.74 17.25
CA THR A 119 14.33 6.66 16.62
C THR A 119 13.44 5.41 16.58
N VAL A 120 13.81 4.45 15.76
CA VAL A 120 13.09 3.19 15.71
C VAL A 120 13.12 2.49 17.08
N GLY A 121 14.25 2.59 17.79
CA GLY A 121 14.31 2.04 19.13
C GLY A 121 13.28 2.66 20.07
N GLU A 122 13.17 3.97 20.02
CA GLU A 122 12.18 4.68 20.82
C GLU A 122 10.77 4.33 20.40
N TYR A 123 10.56 4.20 19.10
CA TYR A 123 9.25 3.85 18.55
C TYR A 123 8.83 2.45 19.00
N ARG A 124 9.77 1.51 18.95
CA ARG A 124 9.49 0.13 19.37
C ARG A 124 9.07 0.10 20.84
N HIS A 125 9.78 0.85 21.66
CA HIS A 125 9.45 0.94 23.07
C HIS A 125 8.04 1.51 23.28
N LEU A 126 7.70 2.54 22.50
CA LEU A 126 6.37 3.13 22.56
C LEU A 126 5.30 2.13 22.13
N ALA A 127 5.56 1.41 21.04
CA ALA A 127 4.62 0.40 20.52
C ALA A 127 4.33 -0.67 21.58
N ASN A 128 5.34 -1.00 22.38
CA ASN A 128 5.22 -2.06 23.37
C ASN A 128 4.71 -1.58 24.73
N SER A 129 4.45 -0.28 24.85
CA SER A 129 3.98 0.30 26.11
C SER A 129 2.54 -0.15 26.40
N LYS A 130 2.11 -0.03 27.65
CA LYS A 130 0.73 -0.43 27.99
C LYS A 130 -0.31 0.32 27.15
N LYS A 131 -0.05 1.59 26.87
CA LYS A 131 -1.00 2.42 26.12
C LYS A 131 -1.23 1.91 24.70
N TYR A 132 -0.18 1.38 24.07
CA TYR A 132 -0.22 1.10 22.64
C TYR A 132 -0.11 -0.37 22.24
N GLN A 133 0.24 -1.23 23.20
N GLN A 133 0.25 -1.23 23.19
CA GLN A 133 0.53 -2.63 22.86
CA GLN A 133 0.55 -2.63 22.87
C GLN A 133 -0.71 -3.41 22.44
C GLN A 133 -0.69 -3.45 22.49
N THR A 134 -0.46 -4.44 21.63
CA THR A 134 -1.49 -5.40 21.23
C THR A 134 -2.17 -6.03 22.44
N PRO A 135 -3.51 -6.07 22.45
CA PRO A 135 -4.23 -6.71 23.56
C PRO A 135 -4.13 -8.22 23.49
N PRO A 136 -4.41 -8.90 24.61
CA PRO A 136 -4.54 -10.36 24.58
C PRO A 136 -5.60 -10.75 23.55
N HIS A 137 -5.36 -11.84 22.83
CA HIS A 137 -6.30 -12.30 21.81
C HIS A 137 -6.06 -13.77 21.52
N GLN A 138 -7.09 -14.42 20.99
CA GLN A 138 -7.04 -15.88 20.78
C GLN A 138 -6.35 -16.28 19.49
N ASN A 139 -6.57 -15.49 18.45
CA ASN A 139 -6.08 -15.79 17.10
C ASN A 139 -6.23 -14.55 16.24
N PHE A 140 -5.87 -14.64 14.95
CA PHE A 140 -5.96 -13.49 14.05
C PHE A 140 -7.40 -12.99 13.92
N GLU A 141 -8.36 -13.91 13.88
CA GLU A 141 -9.77 -13.54 13.73
C GLU A 141 -10.27 -12.74 14.93
N ASP A 142 -9.85 -13.16 16.12
CA ASP A 142 -10.21 -12.47 17.35
C ASP A 142 -9.63 -11.06 17.33
N LEU A 143 -8.37 -10.94 16.91
CA LEU A 143 -7.74 -9.63 16.87
C LEU A 143 -8.41 -8.74 15.83
N GLU A 144 -8.80 -9.33 14.69
CA GLU A 144 -9.53 -8.59 13.66
C GLU A 144 -10.84 -8.01 14.21
N ARG A 145 -11.58 -8.81 14.97
N ARG A 145 -11.57 -8.82 14.97
CA ARG A 145 -12.81 -8.31 15.59
CA ARG A 145 -12.80 -8.38 15.62
C ARG A 145 -12.52 -7.15 16.54
C ARG A 145 -12.54 -7.18 16.55
N LYS A 146 -11.48 -7.29 17.34
CA LYS A 146 -11.11 -6.23 18.27
C LYS A 146 -10.71 -4.96 17.52
N TYR A 147 -9.99 -5.12 16.42
CA TYR A 147 -9.59 -3.97 15.62
C TYR A 147 -10.83 -3.18 15.16
N TRP A 148 -11.79 -3.85 14.52
CA TRP A 148 -12.90 -3.11 13.95
C TRP A 148 -13.87 -2.61 15.01
N LYS A 149 -13.91 -3.29 16.15
CA LYS A 149 -14.76 -2.84 17.25
C LYS A 149 -14.20 -1.56 17.89
N ASN A 150 -12.88 -1.51 18.06
CA ASN A 150 -12.25 -0.55 18.96
C ASN A 150 -11.30 0.47 18.33
N ARG A 151 -10.98 0.31 17.04
CA ARG A 151 -9.97 1.16 16.39
C ARG A 151 -10.21 2.65 16.60
N ILE A 152 -11.45 3.10 16.42
CA ILE A 152 -11.67 4.55 16.40
C ILE A 152 -11.42 5.21 17.76
N TYR A 153 -11.40 4.41 18.82
CA TYR A 153 -11.28 4.95 20.17
C TYR A 153 -9.83 5.14 20.60
N ASN A 154 -8.91 4.87 19.70
CA ASN A 154 -7.48 5.05 19.96
C ASN A 154 -6.83 5.77 18.81
N SER A 155 -5.64 6.33 19.04
CA SER A 155 -4.90 7.01 17.99
C SER A 155 -3.46 6.52 17.95
N PRO A 156 -3.24 5.41 17.23
CA PRO A 156 -1.89 4.83 17.18
C PRO A 156 -0.97 5.72 16.37
N ILE A 157 0.33 5.52 16.57
CA ILE A 157 1.34 6.34 15.90
C ILE A 157 2.10 5.46 14.92
N TYR A 158 2.24 5.95 13.68
N TYR A 158 2.26 5.91 13.70
CA TYR A 158 2.79 5.21 12.52
CA TYR A 158 3.12 5.11 12.85
C TYR A 158 4.03 5.93 11.95
C TYR A 158 4.08 5.91 12.06
N GLY A 159 5.13 5.20 11.69
CA GLY A 159 6.25 5.78 10.97
C GLY A 159 6.12 5.40 9.50
N ALA A 160 5.58 6.30 8.69
CA ALA A 160 5.27 5.96 7.30
C ALA A 160 6.14 6.69 6.29
N ASP A 161 6.25 6.09 5.10
CA ASP A 161 6.86 6.75 3.96
C ASP A 161 8.25 7.27 4.28
N ILE A 162 9.07 6.43 4.91
CA ILE A 162 10.44 6.78 5.23
C ILE A 162 11.34 6.25 4.12
N SER A 163 11.93 7.15 3.33
N SER A 163 11.95 7.16 3.37
CA SER A 163 12.77 6.69 2.23
CA SER A 163 12.84 6.77 2.28
C SER A 163 13.95 5.89 2.77
C SER A 163 13.99 5.91 2.78
N GLY A 164 14.15 4.71 2.22
CA GLY A 164 15.23 3.84 2.64
C GLY A 164 14.97 2.37 2.36
N SER A 165 15.94 1.52 2.70
CA SER A 165 15.82 0.08 2.47
C SER A 165 16.52 -0.70 3.56
N LEU A 166 15.98 -1.88 3.89
CA LEU A 166 16.64 -2.79 4.82
C LEU A 166 17.14 -4.04 4.11
N PHE A 167 17.08 -4.07 2.78
CA PHE A 167 17.68 -5.19 2.06
C PHE A 167 19.18 -5.06 2.02
N ASP A 168 19.86 -6.16 2.31
CA ASP A 168 21.31 -6.24 2.18
C ASP A 168 21.67 -6.01 0.72
N GLU A 169 22.71 -5.22 0.44
CA GLU A 169 23.05 -4.98 -0.95
C GLU A 169 23.45 -6.27 -1.67
N ASN A 170 23.86 -7.29 -0.92
CA ASN A 170 24.25 -8.56 -1.52
C ASN A 170 23.08 -9.50 -1.77
N THR A 171 21.88 -9.10 -1.35
CA THR A 171 20.69 -9.87 -1.66
C THR A 171 20.30 -9.59 -3.11
N LYS A 172 20.42 -10.61 -3.96
CA LYS A 172 20.26 -10.39 -5.39
C LYS A 172 18.85 -10.64 -5.88
N GLN A 173 18.07 -11.42 -5.13
CA GLN A 173 16.72 -11.79 -5.53
C GLN A 173 15.68 -10.98 -4.76
N TRP A 174 14.74 -10.40 -5.48
CA TRP A 174 13.59 -9.69 -4.90
C TRP A 174 14.04 -8.64 -3.88
N ASN A 175 15.10 -7.94 -4.24
CA ASN A 175 15.61 -6.82 -3.46
C ASN A 175 14.87 -5.58 -3.92
N LEU A 176 14.01 -5.04 -3.05
CA LEU A 176 13.11 -3.96 -3.46
C LEU A 176 13.84 -2.65 -3.79
N GLY A 177 15.14 -2.58 -3.48
CA GLY A 177 15.94 -1.43 -3.87
C GLY A 177 16.67 -1.62 -5.19
N HIS A 178 16.51 -2.80 -5.80
CA HIS A 178 17.20 -3.13 -7.04
C HIS A 178 16.26 -3.50 -8.19
N LEU A 179 15.00 -3.10 -8.10
CA LEU A 179 14.05 -3.39 -9.17
C LEU A 179 14.24 -2.46 -10.35
N GLY A 180 13.84 -2.92 -11.53
CA GLY A 180 13.79 -2.05 -12.68
C GLY A 180 12.83 -0.90 -12.41
N THR A 181 13.18 0.30 -12.87
CA THR A 181 12.42 1.48 -12.52
C THR A 181 11.19 1.66 -13.40
N ILE A 182 10.18 2.34 -12.89
CA ILE A 182 8.99 2.64 -13.67
CA ILE A 182 8.99 2.58 -13.70
C ILE A 182 9.33 3.52 -14.86
N GLN A 183 10.30 4.41 -14.67
CA GLN A 183 10.71 5.29 -15.78
C GLN A 183 11.32 4.49 -16.91
N ASP A 184 12.11 3.48 -16.57
CA ASP A 184 12.70 2.64 -17.61
C ASP A 184 11.64 1.76 -18.27
N LEU A 185 10.64 1.33 -17.51
CA LEU A 185 9.55 0.55 -18.09
C LEU A 185 8.80 1.39 -19.11
N LEU A 186 8.43 2.61 -18.73
N LEU A 186 8.43 2.61 -18.73
CA LEU A 186 7.73 3.51 -19.64
CA LEU A 186 7.72 3.50 -19.63
C LEU A 186 8.54 3.74 -20.92
C LEU A 186 8.53 3.77 -20.90
N GLU A 187 9.84 3.95 -20.75
CA GLU A 187 10.71 4.15 -21.89
C GLU A 187 10.79 2.92 -22.78
N LYS A 188 10.90 1.74 -22.17
CA LYS A 188 10.94 0.49 -22.95
C LYS A 188 9.65 0.25 -23.72
N GLU A 189 8.52 0.60 -23.11
CA GLU A 189 7.23 0.33 -23.73
C GLU A 189 6.78 1.36 -24.75
N CYS A 190 7.08 2.63 -24.45
N CYS A 190 7.02 2.64 -24.48
CA CYS A 190 6.50 3.74 -25.20
CA CYS A 190 6.48 3.67 -25.38
C CYS A 190 7.55 4.58 -25.91
C CYS A 190 7.56 4.56 -25.98
N GLY A 191 8.82 4.30 -25.64
CA GLY A 191 9.93 4.94 -26.32
C GLY A 191 10.25 6.36 -25.89
N VAL A 192 9.63 6.85 -24.83
CA VAL A 192 9.99 8.19 -24.39
C VAL A 192 10.78 8.15 -23.09
N VAL A 193 11.83 8.95 -23.05
CA VAL A 193 12.68 9.06 -21.89
C VAL A 193 12.11 10.14 -20.98
N ILE A 194 11.99 9.84 -19.69
CA ILE A 194 11.47 10.83 -18.74
C ILE A 194 12.35 10.95 -17.51
N GLU A 195 12.26 12.12 -16.87
CA GLU A 195 12.90 12.35 -15.58
C GLU A 195 12.18 11.56 -14.50
N GLY A 196 12.82 11.45 -13.35
CA GLY A 196 12.20 10.83 -12.19
C GLY A 196 12.93 9.60 -11.71
N VAL A 197 12.74 9.31 -10.43
CA VAL A 197 13.35 8.16 -9.80
C VAL A 197 12.28 7.48 -8.96
N ASN A 198 12.65 6.30 -8.46
N ASN A 198 12.46 6.22 -8.66
CA ASN A 198 11.72 5.30 -7.94
CA ASN A 198 11.63 5.65 -7.64
C ASN A 198 12.38 4.46 -6.80
C ASN A 198 12.46 4.71 -6.81
N THR A 199 12.27 4.88 -5.52
CA THR A 199 13.02 4.21 -4.46
C THR A 199 12.07 3.68 -3.39
N PRO A 200 12.54 2.71 -2.57
CA PRO A 200 11.61 2.13 -1.59
C PRO A 200 11.31 3.00 -0.38
N TYR A 201 10.25 2.66 0.34
N TYR A 201 10.21 2.67 0.29
CA TYR A 201 9.89 3.33 1.58
CA TYR A 201 9.78 3.29 1.55
C TYR A 201 9.72 2.32 2.70
C TYR A 201 9.84 2.26 2.69
N LEU A 202 10.12 2.73 3.89
CA LEU A 202 9.98 1.91 5.09
C LEU A 202 8.75 2.36 5.88
N TYR A 203 8.12 1.40 6.53
CA TYR A 203 6.95 1.65 7.36
C TYR A 203 7.13 0.97 8.69
N PHE A 204 7.14 1.74 9.77
CA PHE A 204 7.20 1.18 11.10
C PHE A 204 5.83 1.31 11.70
N GLY A 205 5.21 0.18 12.09
CA GLY A 205 3.86 0.23 12.60
C GLY A 205 3.72 -0.32 14.01
N MET A 206 2.53 -0.13 14.56
CA MET A 206 2.19 -0.67 15.87
C MET A 206 0.74 -1.14 15.82
N TRP A 207 0.25 -1.73 16.91
CA TRP A 207 -1.14 -2.16 16.97
C TRP A 207 -2.09 -1.04 16.53
N LYS A 208 -3.02 -1.39 15.65
CA LYS A 208 -4.08 -0.52 15.12
C LYS A 208 -3.64 0.50 14.08
N THR A 209 -2.35 0.63 13.80
N THR A 209 -2.35 0.57 13.79
CA THR A 209 -1.97 1.56 12.73
CA THR A 209 -1.88 1.38 12.68
C THR A 209 -2.60 1.02 11.45
C THR A 209 -2.65 0.98 11.43
N THR A 210 -3.08 1.96 10.65
CA THR A 210 -4.08 1.71 9.63
C THR A 210 -3.71 2.28 8.28
N PHE A 211 -3.83 1.48 7.22
N PHE A 211 -3.97 1.50 7.24
CA PHE A 211 -3.75 2.10 5.89
CA PHE A 211 -3.79 1.96 5.87
C PHE A 211 -5.13 2.10 5.24
C PHE A 211 -5.16 2.08 5.20
N ALA A 212 -5.52 3.30 4.81
CA ALA A 212 -6.84 3.57 4.27
C ALA A 212 -7.03 2.96 2.89
N TRP A 213 -8.29 2.84 2.47
CA TRP A 213 -8.62 2.32 1.15
C TRP A 213 -7.99 3.16 0.05
N HIS A 214 -7.19 2.52 -0.81
N HIS A 214 -7.18 2.53 -0.80
CA HIS A 214 -6.55 3.23 -1.91
CA HIS A 214 -6.63 3.25 -1.95
C HIS A 214 -6.11 2.26 -3.00
C HIS A 214 -6.00 2.32 -2.97
N THR A 215 -5.86 2.81 -4.19
CA THR A 215 -5.04 2.16 -5.18
C THR A 215 -3.71 2.92 -5.20
N GLU A 216 -2.70 2.40 -5.89
CA GLU A 216 -1.43 3.09 -5.94
C GLU A 216 -1.48 4.33 -6.84
N ASP A 217 -0.52 5.23 -6.67
CA ASP A 217 -0.34 6.35 -7.60
C ASP A 217 -0.35 5.81 -9.02
N MET A 218 -1.14 6.46 -9.89
N MET A 218 -1.07 6.49 -9.92
CA MET A 218 -1.20 6.10 -11.30
CA MET A 218 -1.18 6.08 -11.33
C MET A 218 -1.63 4.63 -11.48
C MET A 218 -1.69 4.64 -11.51
N ASP A 219 -2.31 4.10 -10.47
CA ASP A 219 -2.74 2.69 -10.44
C ASP A 219 -1.60 1.72 -10.77
N LEU A 220 -0.42 2.03 -10.25
CA LEU A 220 0.74 1.16 -10.36
C LEU A 220 0.60 -0.12 -9.54
N TYR A 221 1.51 -1.08 -9.77
CA TYR A 221 1.66 -2.18 -8.83
C TYR A 221 2.34 -1.67 -7.58
N SER A 222 2.21 -2.41 -6.47
CA SER A 222 3.12 -2.24 -5.37
CA SER A 222 3.11 -2.24 -5.35
C SER A 222 3.61 -3.60 -4.90
N ILE A 223 4.77 -3.62 -4.27
CA ILE A 223 5.26 -4.83 -3.63
C ILE A 223 5.70 -4.43 -2.23
N ASN A 224 5.34 -5.26 -1.27
CA ASN A 224 5.49 -4.97 0.15
C ASN A 224 6.13 -6.17 0.83
N TYR A 225 7.28 -5.95 1.48
CA TYR A 225 7.93 -7.01 2.23
C TYR A 225 7.83 -6.72 3.72
N LEU A 226 7.30 -7.66 4.51
CA LEU A 226 7.23 -7.48 5.95
C LEU A 226 8.55 -7.99 6.56
N HIS A 227 9.46 -7.08 6.88
CA HIS A 227 10.80 -7.42 7.35
C HIS A 227 10.83 -8.13 8.70
N LEU A 228 10.00 -7.63 9.63
N LEU A 228 10.00 -7.64 9.62
CA LEU A 228 10.19 -7.95 11.04
CA LEU A 228 10.08 -8.10 10.98
C LEU A 228 8.95 -7.61 11.86
C LEU A 228 8.82 -7.77 11.73
N GLY A 229 8.64 -8.45 12.86
CA GLY A 229 7.60 -8.11 13.81
C GLY A 229 6.26 -8.78 13.58
N GLU A 230 5.21 -8.11 14.05
CA GLU A 230 3.87 -8.68 14.08
C GLU A 230 3.18 -8.55 12.72
N PRO A 231 2.11 -9.33 12.50
CA PRO A 231 1.50 -9.34 11.17
C PRO A 231 0.80 -8.06 10.71
N LYS A 232 0.43 -8.09 9.43
CA LYS A 232 -0.34 -7.04 8.80
CA LYS A 232 -0.36 -7.04 8.81
C LYS A 232 -1.53 -7.69 8.10
N THR A 233 -2.75 -7.26 8.41
CA THR A 233 -3.92 -7.81 7.74
C THR A 233 -4.35 -6.89 6.61
N TRP A 234 -4.60 -7.49 5.45
CA TRP A 234 -4.98 -6.78 4.23
C TRP A 234 -6.41 -7.08 3.80
N TYR A 235 -7.09 -6.06 3.27
CA TYR A 235 -8.37 -6.22 2.58
C TYR A 235 -8.19 -5.74 1.15
N VAL A 236 -8.83 -6.37 0.18
CA VAL A 236 -8.63 -6.00 -1.22
C VAL A 236 -9.87 -6.23 -2.05
N VAL A 237 -10.17 -5.28 -2.94
CA VAL A 237 -11.26 -5.41 -3.90
C VAL A 237 -10.68 -5.75 -5.28
N PRO A 238 -11.22 -6.79 -5.95
CA PRO A 238 -10.75 -7.12 -7.31
C PRO A 238 -10.76 -5.89 -8.23
N PRO A 239 -9.70 -5.69 -9.03
CA PRO A 239 -9.69 -4.54 -9.93
C PRO A 239 -10.93 -4.43 -10.82
N GLU A 240 -11.49 -5.55 -11.26
CA GLU A 240 -12.66 -5.48 -12.13
C GLU A 240 -13.89 -4.92 -11.40
N HIS A 241 -13.83 -4.85 -10.06
CA HIS A 241 -14.93 -4.32 -9.26
C HIS A 241 -14.60 -3.05 -8.49
N GLY A 242 -13.50 -2.41 -8.84
CA GLY A 242 -13.07 -1.20 -8.14
C GLY A 242 -14.11 -0.10 -8.12
N GLN A 243 -14.85 0.05 -9.21
CA GLN A 243 -15.84 1.13 -9.26
CA GLN A 243 -15.87 1.09 -9.31
C GLN A 243 -17.00 0.89 -8.30
N ARG A 244 -17.25 -0.37 -7.92
CA ARG A 244 -18.25 -0.65 -6.90
C ARG A 244 -17.82 -0.08 -5.54
N LEU A 245 -16.55 -0.21 -5.22
CA LEU A 245 -16.06 0.36 -3.98
C LEU A 245 -16.13 1.89 -4.04
N GLU A 246 -15.77 2.46 -5.18
CA GLU A 246 -15.84 3.91 -5.35
C GLU A 246 -17.26 4.44 -5.15
N ARG A 247 -18.23 3.75 -5.72
CA ARG A 247 -19.62 4.16 -5.58
C ARG A 247 -20.07 4.12 -4.12
N LEU A 248 -19.73 3.06 -3.40
CA LEU A 248 -20.07 2.98 -1.98
C LEU A 248 -19.38 4.10 -1.19
N ALA A 249 -18.10 4.34 -1.50
CA ALA A 249 -17.37 5.40 -0.81
C ALA A 249 -18.05 6.75 -0.99
N ARG A 250 -18.54 7.03 -2.19
N ARG A 250 -18.53 7.03 -2.20
CA ARG A 250 -19.23 8.29 -2.46
CA ARG A 250 -19.22 8.30 -2.45
C ARG A 250 -20.50 8.41 -1.63
C ARG A 250 -20.47 8.40 -1.58
N GLU A 251 -21.18 7.28 -1.41
CA GLU A 251 -22.37 7.26 -0.59
C GLU A 251 -22.04 7.44 0.91
N LEU A 252 -20.95 6.81 1.35
CA LEU A 252 -20.58 6.82 2.76
C LEU A 252 -19.85 8.08 3.22
N PHE A 253 -19.19 8.76 2.28
CA PHE A 253 -18.45 9.98 2.60
C PHE A 253 -18.92 11.08 1.66
N PRO A 254 -20.17 11.52 1.81
CA PRO A 254 -20.74 12.37 0.77
C PRO A 254 -20.11 13.76 0.67
N GLY A 255 -19.73 14.38 1.79
CA GLY A 255 -19.05 15.65 1.75
C GLY A 255 -17.71 15.55 1.04
N SER A 256 -16.96 14.49 1.34
CA SER A 256 -15.67 14.29 0.69
C SER A 256 -15.83 14.12 -0.82
N SER A 257 -16.87 13.39 -1.21
CA SER A 257 -17.13 13.13 -2.61
C SER A 257 -17.45 14.41 -3.37
N ARG A 258 -18.20 15.32 -2.74
CA ARG A 258 -18.50 16.61 -3.36
C ARG A 258 -17.25 17.45 -3.52
N GLY A 259 -16.31 17.31 -2.60
CA GLY A 259 -15.09 18.10 -2.62
C GLY A 259 -14.06 17.66 -3.66
N CYS A 260 -14.11 16.39 -4.03
CA CYS A 260 -13.12 15.83 -4.95
C CYS A 260 -13.63 14.58 -5.65
N GLY A 261 -13.50 14.56 -6.97
CA GLY A 261 -13.97 13.44 -7.76
C GLY A 261 -13.14 12.17 -7.63
N ALA A 262 -12.03 12.28 -6.91
CA ALA A 262 -11.18 11.12 -6.67
C ALA A 262 -10.68 11.13 -5.23
N PHE A 263 -11.57 11.32 -4.26
CA PHE A 263 -11.10 11.58 -2.90
C PHE A 263 -10.44 10.36 -2.23
N LEU A 264 -10.61 9.15 -2.77
CA LEU A 264 -9.90 8.04 -2.14
C LEU A 264 -8.38 8.21 -2.34
N ARG A 265 -7.98 9.02 -3.30
CA ARG A 265 -6.57 9.38 -3.48
C ARG A 265 -6.00 10.10 -2.24
N HIS A 266 -6.88 10.61 -1.37
CA HIS A 266 -6.43 11.30 -0.17
C HIS A 266 -5.94 10.29 0.88
N LYS A 267 -6.32 9.03 0.69
CA LYS A 267 -5.94 7.93 1.56
CA LYS A 267 -5.92 7.94 1.57
C LYS A 267 -6.29 8.20 3.01
N VAL A 268 -7.56 8.51 3.27
CA VAL A 268 -8.00 8.73 4.65
C VAL A 268 -9.28 7.99 5.02
N ALA A 269 -9.88 7.24 4.09
CA ALA A 269 -11.20 6.64 4.34
C ALA A 269 -11.12 5.14 4.65
N LEU A 270 -11.81 4.73 5.71
CA LEU A 270 -11.90 3.32 6.09
C LEU A 270 -13.32 2.82 6.08
N ILE A 271 -13.49 1.61 5.56
CA ILE A 271 -14.78 0.93 5.55
C ILE A 271 -14.52 -0.50 6.00
N SER A 272 -15.25 -0.98 6.99
CA SER A 272 -15.03 -2.32 7.56
C SER A 272 -15.52 -3.44 6.65
N PRO A 273 -15.00 -4.66 6.86
CA PRO A 273 -15.51 -5.80 6.09
C PRO A 273 -16.99 -6.04 6.32
N THR A 274 -17.49 -5.75 7.51
CA THR A 274 -18.92 -5.91 7.76
C THR A 274 -19.75 -4.96 6.88
N VAL A 275 -19.30 -3.71 6.78
CA VAL A 275 -20.02 -2.75 5.96
C VAL A 275 -19.90 -3.09 4.47
N LEU A 276 -18.73 -3.56 4.04
CA LEU A 276 -18.57 -4.02 2.66
C LEU A 276 -19.56 -5.15 2.35
N LYS A 277 -19.65 -6.11 3.27
CA LYS A 277 -20.55 -7.24 3.08
C LYS A 277 -22.01 -6.78 3.03
N GLU A 278 -22.37 -5.86 3.92
CA GLU A 278 -23.73 -5.34 3.96
C GLU A 278 -24.12 -4.69 2.65
N ASN A 279 -23.13 -4.15 1.94
CA ASN A 279 -23.38 -3.44 0.70
C ASN A 279 -23.00 -4.24 -0.55
N GLY A 280 -22.71 -5.52 -0.35
CA GLY A 280 -22.46 -6.42 -1.47
C GLY A 280 -21.21 -6.11 -2.26
N ILE A 281 -20.22 -5.48 -1.63
CA ILE A 281 -18.96 -5.21 -2.32
C ILE A 281 -18.07 -6.43 -2.30
N PRO A 282 -17.65 -6.90 -3.47
CA PRO A 282 -16.74 -8.05 -3.49
C PRO A 282 -15.37 -7.68 -2.94
N PHE A 283 -14.87 -8.50 -2.02
CA PHE A 283 -13.53 -8.28 -1.48
C PHE A 283 -12.98 -9.57 -0.88
N ASN A 284 -11.68 -9.54 -0.59
CA ASN A 284 -11.04 -10.64 0.10
C ASN A 284 -10.12 -10.10 1.17
N ARG A 285 -9.69 -10.99 2.06
CA ARG A 285 -8.78 -10.59 3.13
C ARG A 285 -7.70 -11.65 3.33
N ILE A 286 -6.56 -11.23 3.84
CA ILE A 286 -5.46 -12.14 4.12
C ILE A 286 -4.51 -11.48 5.11
N THR A 287 -3.83 -12.29 5.92
CA THR A 287 -2.86 -11.76 6.85
C THR A 287 -1.45 -12.12 6.40
N GLN A 288 -0.62 -11.08 6.30
CA GLN A 288 0.78 -11.19 5.93
C GLN A 288 1.63 -11.30 7.19
N GLU A 289 2.56 -12.25 7.21
CA GLU A 289 3.45 -12.41 8.35
C GLU A 289 4.89 -12.06 7.96
N ALA A 290 5.74 -11.87 8.96
CA ALA A 290 7.12 -11.50 8.72
C ALA A 290 7.80 -12.52 7.80
N GLY A 291 8.56 -12.01 6.83
CA GLY A 291 9.25 -12.86 5.87
C GLY A 291 8.46 -13.09 4.59
N GLU A 292 7.29 -12.47 4.48
CA GLU A 292 6.42 -12.66 3.30
C GLU A 292 6.26 -11.39 2.49
N PHE A 293 6.18 -11.56 1.17
CA PHE A 293 5.88 -10.50 0.22
C PHE A 293 4.39 -10.46 -0.10
N MET A 294 3.87 -9.26 -0.29
CA MET A 294 2.56 -9.07 -0.91
C MET A 294 2.76 -8.22 -2.16
N VAL A 295 2.04 -8.54 -3.22
CA VAL A 295 2.01 -7.69 -4.40
C VAL A 295 0.59 -7.19 -4.60
N THR A 296 0.42 -5.87 -4.77
CA THR A 296 -0.88 -5.35 -5.20
C THR A 296 -0.80 -5.06 -6.69
N PHE A 297 -1.92 -5.30 -7.37
CA PHE A 297 -1.98 -5.20 -8.82
C PHE A 297 -2.70 -3.93 -9.23
N PRO A 298 -2.47 -3.46 -10.47
CA PRO A 298 -3.07 -2.21 -10.92
C PRO A 298 -4.58 -2.11 -10.64
N TYR A 299 -4.96 -1.02 -9.99
CA TYR A 299 -6.35 -0.68 -9.67
C TYR A 299 -6.96 -1.69 -8.68
N GLY A 300 -6.13 -2.35 -7.90
CA GLY A 300 -6.62 -3.18 -6.81
C GLY A 300 -6.70 -2.36 -5.53
N TYR A 301 -7.89 -1.93 -5.16
CA TYR A 301 -8.09 -1.18 -3.92
C TYR A 301 -7.72 -2.04 -2.73
N HIS A 302 -6.96 -1.49 -1.80
N HIS A 302 -6.97 -1.47 -1.79
CA HIS A 302 -6.62 -2.23 -0.60
CA HIS A 302 -6.57 -2.21 -0.60
C HIS A 302 -6.58 -1.33 0.63
C HIS A 302 -6.54 -1.32 0.64
N ALA A 303 -6.72 -1.95 1.80
CA ALA A 303 -6.70 -1.28 3.09
C ALA A 303 -6.22 -2.31 4.09
N GLY A 304 -5.85 -1.89 5.28
CA GLY A 304 -5.46 -2.87 6.27
C GLY A 304 -4.96 -2.30 7.58
N PHE A 305 -4.44 -3.18 8.43
CA PHE A 305 -3.96 -2.73 9.73
C PHE A 305 -2.86 -3.61 10.26
N ASN A 306 -2.04 -3.07 11.15
N ASN A 306 -2.07 -3.06 11.16
CA ASN A 306 -0.95 -3.82 11.76
CA ASN A 306 -1.02 -3.78 11.84
C ASN A 306 -1.34 -4.39 13.13
C ASN A 306 -1.52 -4.51 13.07
N HIS A 307 -0.83 -5.59 13.42
CA HIS A 307 -1.17 -6.32 14.63
C HIS A 307 -0.39 -5.87 15.84
N GLY A 308 0.74 -5.20 15.61
CA GLY A 308 1.68 -4.88 16.67
C GLY A 308 2.91 -4.27 16.03
N PHE A 309 3.98 -4.11 16.80
CA PHE A 309 5.19 -3.51 16.25
C PHE A 309 5.69 -4.32 15.06
N ASN A 310 5.92 -3.62 13.94
CA ASN A 310 6.53 -4.26 12.78
C ASN A 310 7.23 -3.26 11.89
N CYS A 311 7.89 -3.79 10.87
CA CYS A 311 8.56 -2.97 9.87
C CYS A 311 8.36 -3.60 8.51
N ALA A 312 7.83 -2.81 7.59
CA ALA A 312 7.66 -3.23 6.21
C ALA A 312 8.39 -2.30 5.25
N GLU A 313 8.69 -2.82 4.08
CA GLU A 313 9.34 -2.04 3.03
C GLU A 313 8.50 -2.21 1.78
N ALA A 314 8.24 -1.12 1.07
CA ALA A 314 7.40 -1.21 -0.12
C ALA A 314 7.87 -0.26 -1.19
N ILE A 315 7.53 -0.60 -2.44
CA ILE A 315 7.86 0.24 -3.58
C ILE A 315 6.83 -0.01 -4.69
N ASN A 316 6.58 1.00 -5.51
CA ASN A 316 5.78 0.82 -6.71
C ASN A 316 6.61 0.29 -7.85
N PHE A 317 5.98 -0.49 -8.72
CA PHE A 317 6.64 -0.93 -9.95
C PHE A 317 5.62 -1.05 -11.06
N ALA A 318 6.12 -1.23 -12.27
CA ALA A 318 5.28 -1.33 -13.46
C ALA A 318 5.66 -2.54 -14.30
N THR A 319 4.72 -2.96 -15.14
CA THR A 319 4.93 -4.00 -16.15
C THR A 319 4.28 -3.49 -17.44
N PRO A 320 4.49 -4.19 -18.56
CA PRO A 320 3.78 -3.73 -19.77
C PRO A 320 2.26 -3.68 -19.59
N ARG A 321 1.69 -4.59 -18.80
CA ARG A 321 0.25 -4.61 -18.61
C ARG A 321 -0.26 -3.38 -17.85
N TRP A 322 0.61 -2.76 -17.06
CA TRP A 322 0.21 -1.55 -16.32
C TRP A 322 -0.13 -0.35 -17.21
N ILE A 323 0.53 -0.24 -18.37
CA ILE A 323 0.44 1.00 -19.15
C ILE A 323 -1.02 1.44 -19.37
N ASP A 324 -1.90 0.50 -19.74
CA ASP A 324 -3.29 0.88 -19.98
C ASP A 324 -3.99 1.36 -18.71
N TYR A 325 -3.62 0.80 -17.56
CA TYR A 325 -4.16 1.28 -16.30
C TYR A 325 -3.66 2.69 -15.97
N GLY A 326 -2.38 2.95 -16.23
CA GLY A 326 -1.86 4.28 -15.99
C GLY A 326 -2.57 5.32 -16.82
N LYS A 327 -2.91 4.97 -18.07
CA LYS A 327 -3.62 5.89 -18.95
C LYS A 327 -5.02 6.25 -18.43
N MET A 328 -5.63 5.34 -17.69
CA MET A 328 -7.02 5.49 -17.27
C MET A 328 -7.16 5.91 -15.81
N ALA A 329 -6.04 6.01 -15.10
CA ALA A 329 -6.08 6.28 -13.66
C ALA A 329 -6.78 7.60 -13.33
N SER A 330 -7.67 7.58 -12.33
N SER A 330 -7.67 7.54 -12.35
CA SER A 330 -8.37 8.78 -11.92
CA SER A 330 -8.30 8.74 -11.82
C SER A 330 -7.53 9.62 -10.95
C SER A 330 -7.23 9.62 -11.20
N GLN A 331 -7.50 10.92 -11.17
CA GLN A 331 -6.61 11.82 -10.45
C GLN A 331 -7.32 12.77 -9.50
N CYS A 332 -6.69 13.04 -8.37
CA CYS A 332 -7.12 14.12 -7.50
C CYS A 332 -6.54 15.43 -8.01
N SER A 333 -7.39 16.43 -8.20
CA SER A 333 -6.92 17.75 -8.58
C SER A 333 -7.34 18.81 -7.57
N CYS A 334 -7.92 18.39 -6.44
CA CYS A 334 -8.42 19.34 -5.44
C CYS A 334 -7.28 19.86 -4.57
N GLY A 335 -6.13 19.21 -4.67
CA GLY A 335 -4.96 19.66 -3.95
C GLY A 335 -4.63 18.86 -2.70
N GLU A 336 -5.50 17.95 -2.30
CA GLU A 336 -5.26 17.20 -1.08
C GLU A 336 -4.22 16.11 -1.26
N ALA A 337 -4.26 15.43 -2.41
CA ALA A 337 -3.46 14.21 -2.59
C ALA A 337 -1.95 14.45 -2.55
N ARG A 338 -1.50 15.52 -3.22
CA ARG A 338 -0.10 15.96 -3.21
C ARG A 338 0.93 14.83 -3.27
N VAL A 339 1.45 14.56 -4.45
CA VAL A 339 2.32 13.39 -4.64
C VAL A 339 3.74 13.73 -5.11
N THR A 340 4.52 12.67 -5.30
CA THR A 340 5.92 12.78 -5.67
C THR A 340 6.15 13.48 -7.00
N PHE A 341 7.30 14.12 -7.21
N PHE A 341 7.32 14.11 -7.05
CA PHE A 341 7.47 14.74 -8.51
CA PHE A 341 7.98 14.64 -8.22
C PHE A 341 7.71 13.68 -9.59
C PHE A 341 7.81 13.75 -9.45
N SER A 342 7.93 12.45 -9.17
N SER A 342 8.02 12.46 -9.25
CA SER A 342 8.06 11.33 -10.11
CA SER A 342 8.08 11.54 -10.37
C SER A 342 6.76 11.13 -10.89
C SER A 342 6.72 11.26 -11.00
N MET A 343 5.63 11.49 -10.28
CA MET A 343 4.33 11.30 -10.90
C MET A 343 4.04 12.31 -12.00
N ASP A 344 4.71 13.47 -11.96
CA ASP A 344 4.51 14.49 -12.98
C ASP A 344 4.65 13.93 -14.40
N ALA A 345 5.75 13.23 -14.64
CA ALA A 345 6.02 12.71 -15.98
C ALA A 345 4.99 11.67 -16.40
N PHE A 346 4.52 10.87 -15.44
N PHE A 346 4.47 10.89 -15.46
CA PHE A 346 3.52 9.85 -15.72
CA PHE A 346 3.51 9.87 -15.84
C PHE A 346 2.25 10.53 -16.28
C PHE A 346 2.17 10.47 -16.24
N VAL A 347 1.77 11.54 -15.57
CA VAL A 347 0.55 12.24 -15.96
C VAL A 347 0.81 12.97 -17.28
N ARG A 348 1.97 13.62 -17.38
CA ARG A 348 2.30 14.41 -18.57
C ARG A 348 2.28 13.56 -19.84
N ILE A 349 2.86 12.37 -19.78
CA ILE A 349 2.95 11.51 -20.96
C ILE A 349 1.70 10.65 -21.16
N LEU A 350 1.18 10.04 -20.08
CA LEU A 350 0.05 9.12 -20.26
C LEU A 350 -1.31 9.81 -20.28
N GLN A 351 -1.40 10.98 -19.64
N GLN A 351 -1.42 10.96 -19.61
CA GLN A 351 -2.67 11.70 -19.54
CA GLN A 351 -2.69 11.68 -19.60
C GLN A 351 -2.55 13.18 -19.89
C GLN A 351 -2.51 13.17 -19.88
N PRO A 352 -2.05 13.51 -21.10
CA PRO A 352 -1.79 14.91 -21.42
C PRO A 352 -3.02 15.82 -21.28
N GLU A 353 -4.23 15.34 -21.52
CA GLU A 353 -5.42 16.18 -21.36
CA GLU A 353 -5.39 16.21 -21.35
C GLU A 353 -5.60 16.60 -19.90
N ARG A 354 -5.32 15.68 -18.99
CA ARG A 354 -5.53 15.93 -17.57
C ARG A 354 -4.41 16.72 -16.93
N TYR A 355 -3.28 16.79 -17.63
CA TYR A 355 -2.05 17.31 -17.04
C TYR A 355 -2.17 18.73 -16.47
N ASP A 356 -2.73 19.66 -17.24
CA ASP A 356 -2.87 21.04 -16.79
CA ASP A 356 -2.89 21.05 -16.79
C ASP A 356 -3.63 21.15 -15.46
N LEU A 357 -4.81 20.53 -15.40
CA LEU A 357 -5.64 20.59 -14.20
C LEU A 357 -4.98 19.90 -13.00
N TRP A 358 -4.35 18.76 -13.26
CA TRP A 358 -3.71 18.01 -12.19
C TRP A 358 -2.53 18.79 -11.61
N LYS A 359 -1.74 19.40 -12.47
CA LYS A 359 -0.56 20.14 -12.03
C LYS A 359 -0.95 21.37 -11.21
N ARG A 360 -2.11 21.94 -11.53
CA ARG A 360 -2.64 23.05 -10.75
C ARG A 360 -2.92 22.58 -9.33
N GLY A 361 -3.28 21.32 -9.18
CA GLY A 361 -3.55 20.73 -7.88
C GLY A 361 -2.30 20.44 -7.08
N GLN A 362 -1.18 20.24 -7.79
CA GLN A 362 0.09 19.95 -7.13
C GLN A 362 0.83 21.22 -6.75
N ASP A 363 0.39 22.35 -7.30
CA ASP A 363 1.04 23.63 -7.05
C ASP A 363 0.07 24.63 -6.43
#